data_3NIM
#
_entry.id   3NIM
#
_cell.length_a   44.868
_cell.length_b   44.868
_cell.length_c   140.136
_cell.angle_alpha   90.000
_cell.angle_beta   90.000
_cell.angle_gamma   120.000
#
_symmetry.space_group_name_H-M   'P 32'
#
loop_
_entity.id
_entity.type
_entity.pdbx_description
1 polymer 'E3 ubiquitin-protein ligase UBR1'
2 polymer 'Peptide RRAA'
3 non-polymer 'ZINC ION'
4 water water
#
loop_
_entity_poly.entity_id
_entity_poly.type
_entity_poly.pdbx_seq_one_letter_code
_entity_poly.pdbx_strand_id
1 'polypeptide(L)'
;GSVHKHTGRNCGRKFKIGEPLYRCHECGCDDTCVLCIHCFNPKDHVNHHVCTDICTEFTSGICDCGDEEAWNSPLHCKAE
EQ
;
A,B,D,F
2 'polypeptide(L)' RRAA X
#
loop_
_chem_comp.id
_chem_comp.type
_chem_comp.name
_chem_comp.formula
ZN non-polymer 'ZINC ION' 'Zn 2'
#
# COMPACT_ATOMS: atom_id res chain seq x y z
N GLY A 1 -8.25 4.34 30.56
CA GLY A 1 -7.61 3.45 29.56
C GLY A 1 -6.13 3.72 29.47
N SER A 2 -5.36 2.72 29.06
CA SER A 2 -3.94 2.91 28.85
C SER A 2 -3.70 3.27 27.38
N VAL A 3 -2.63 4.01 27.15
CA VAL A 3 -2.27 4.50 25.81
C VAL A 3 -0.78 4.39 25.58
N HIS A 4 -0.44 4.11 24.33
CA HIS A 4 0.94 4.14 23.86
C HIS A 4 0.84 4.86 22.53
N LYS A 5 1.28 6.11 22.53
CA LYS A 5 1.16 6.97 21.35
C LYS A 5 2.25 6.56 20.36
N HIS A 6 2.04 6.90 19.09
CA HIS A 6 3.05 6.70 18.05
C HIS A 6 3.36 8.03 17.34
N THR A 7 3.53 9.11 18.11
CA THR A 7 3.61 10.45 17.50
C THR A 7 4.88 10.67 16.69
N GLY A 8 4.73 11.33 15.54
CA GLY A 8 5.83 11.51 14.61
C GLY A 8 6.11 10.29 13.73
N ARG A 9 5.27 9.26 13.84
CA ARG A 9 5.37 8.07 12.99
C ARG A 9 4.02 7.36 12.83
N ASN A 10 3.99 6.34 11.97
CA ASN A 10 2.78 5.55 11.76
C ASN A 10 2.53 4.65 12.94
N CYS A 11 1.30 4.17 13.04
CA CYS A 11 0.95 3.14 14.01
C CYS A 11 1.60 1.80 13.67
N GLY A 12 1.15 1.19 12.57
CA GLY A 12 1.72 -0.10 12.11
C GLY A 12 1.43 -1.28 13.01
N ARG A 13 0.54 -1.11 13.99
CA ARG A 13 0.21 -2.17 14.97
C ARG A 13 -0.51 -3.33 14.28
N LYS A 14 -0.09 -4.56 14.54
CA LYS A 14 -0.73 -5.73 13.97
C LYS A 14 -1.98 -6.03 14.78
N PHE A 15 -3.12 -6.19 14.10
CA PHE A 15 -4.38 -6.53 14.76
C PHE A 15 -4.26 -7.85 15.48
N LYS A 16 -4.88 -7.92 16.66
CA LYS A 16 -4.97 -9.15 17.43
C LYS A 16 -6.25 -9.84 17.00
N ILE A 17 -6.26 -11.17 17.01
CA ILE A 17 -7.46 -11.93 16.64
C ILE A 17 -8.65 -11.44 17.45
N GLY A 18 -9.76 -11.19 16.76
CA GLY A 18 -11.01 -10.74 17.39
C GLY A 18 -11.25 -9.24 17.33
N GLU A 19 -10.17 -8.46 17.15
CA GLU A 19 -10.26 -7.01 17.08
C GLU A 19 -10.88 -6.51 15.79
N PRO A 20 -11.54 -5.34 15.86
CA PRO A 20 -12.03 -4.69 14.66
C PRO A 20 -10.93 -3.96 13.90
N LEU A 21 -10.99 -4.04 12.58
CA LEU A 21 -10.25 -3.20 11.69
C LEU A 21 -11.26 -2.16 11.19
N TYR A 22 -11.02 -0.88 11.47
CA TYR A 22 -11.95 0.15 10.98
C TYR A 22 -11.57 0.73 9.63
N ARG A 23 -12.55 0.79 8.72
CA ARG A 23 -12.39 1.56 7.48
C ARG A 23 -13.45 2.66 7.33
N CYS A 24 -13.07 3.73 6.63
CA CYS A 24 -13.93 4.87 6.39
C CYS A 24 -13.96 5.13 4.89
N HIS A 25 -15.14 5.05 4.30
CA HIS A 25 -15.28 5.36 2.88
C HIS A 25 -14.74 6.74 2.49
N GLU A 26 -14.98 7.73 3.34
CA GLU A 26 -14.56 9.09 3.05
C GLU A 26 -13.07 9.31 3.30
N CYS A 27 -12.54 8.78 4.40
CA CYS A 27 -11.15 9.07 4.74
C CYS A 27 -10.16 8.15 4.04
N GLY A 28 -10.56 6.92 3.78
CA GLY A 28 -9.64 5.92 3.25
C GLY A 28 -9.23 6.24 1.84
N CYS A 29 -7.94 6.08 1.51
CA CYS A 29 -7.54 6.11 0.11
C CYS A 29 -8.31 4.99 -0.63
N ASP A 30 -8.30 3.80 -0.04
CA ASP A 30 -9.04 2.67 -0.59
C ASP A 30 -9.52 1.76 0.53
N ASP A 31 -10.09 0.62 0.15
CA ASP A 31 -10.73 -0.27 1.12
C ASP A 31 -9.77 -1.08 1.96
N THR A 32 -8.48 -1.06 1.61
CA THR A 32 -7.47 -1.75 2.43
C THR A 32 -6.94 -0.84 3.56
N CYS A 33 -7.35 0.42 3.57
CA CYS A 33 -6.89 1.39 4.56
C CYS A 33 -7.69 1.23 5.85
N VAL A 34 -7.00 0.86 6.93
CA VAL A 34 -7.65 0.46 8.19
C VAL A 34 -7.02 1.10 9.46
N LEU A 35 -7.82 1.21 10.52
CA LEU A 35 -7.34 1.75 11.81
C LEU A 35 -7.66 0.80 12.94
N CYS A 36 -6.83 0.81 13.97
CA CYS A 36 -7.03 -0.09 15.10
C CYS A 36 -7.85 0.62 16.20
N ILE A 37 -8.24 -0.14 17.23
CA ILE A 37 -9.03 0.34 18.35
C ILE A 37 -8.33 1.50 19.10
N HIS A 38 -6.99 1.52 19.04
CA HIS A 38 -6.23 2.54 19.77
C HIS A 38 -6.34 3.88 19.05
N CYS A 39 -6.52 3.81 17.73
CA CYS A 39 -6.28 4.97 16.86
C CYS A 39 -7.54 5.62 16.35
N PHE A 40 -8.52 4.79 16.01
CA PHE A 40 -9.79 5.23 15.44
C PHE A 40 -10.43 6.25 16.36
N ASN A 41 -10.64 7.46 15.83
CA ASN A 41 -11.27 8.55 16.58
C ASN A 41 -12.68 8.77 16.03
N PRO A 42 -13.71 8.33 16.78
CA PRO A 42 -15.09 8.50 16.29
C PRO A 42 -15.40 9.93 15.84
N LYS A 43 -14.79 10.93 16.47
CA LYS A 43 -14.99 12.34 16.05
C LYS A 43 -14.58 12.64 14.60
N ASP A 44 -13.55 11.95 14.09
CA ASP A 44 -13.11 12.17 12.70
C ASP A 44 -14.13 11.71 11.67
N HIS A 45 -15.10 10.90 12.11
CA HIS A 45 -15.93 10.15 11.17
C HIS A 45 -17.43 10.17 11.49
N VAL A 46 -17.89 11.26 12.09
CA VAL A 46 -19.32 11.43 12.43
C VAL A 46 -20.25 11.38 11.21
N ASN A 47 -19.96 12.18 10.19
CA ASN A 47 -20.78 12.18 8.98
C ASN A 47 -20.24 11.25 7.89
N HIS A 48 -19.51 10.22 8.32
CA HIS A 48 -18.82 9.32 7.40
C HIS A 48 -19.39 7.91 7.44
N HIS A 49 -19.14 7.12 6.39
CA HIS A 49 -19.60 5.74 6.31
C HIS A 49 -18.50 4.76 6.73
N VAL A 50 -18.58 4.32 7.99
CA VAL A 50 -17.57 3.46 8.62
C VAL A 50 -18.02 2.01 8.68
N CYS A 51 -17.09 1.09 8.41
CA CYS A 51 -17.32 -0.34 8.57
C CYS A 51 -16.19 -0.99 9.34
N THR A 52 -16.54 -1.98 10.15
CA THR A 52 -15.52 -2.81 10.81
C THR A 52 -15.45 -4.18 10.14
N ASP A 53 -14.23 -4.69 10.03
CA ASP A 53 -14.01 -6.09 9.77
C ASP A 53 -13.45 -6.65 11.05
N ILE A 54 -13.48 -7.97 11.20
CA ILE A 54 -13.00 -8.60 12.40
C ILE A 54 -11.77 -9.48 12.15
N CYS A 55 -10.75 -9.32 13.00
CA CYS A 55 -9.49 -10.01 12.78
C CYS A 55 -9.62 -11.50 13.06
N THR A 56 -9.18 -12.30 12.08
CA THR A 56 -9.19 -13.76 12.16
C THR A 56 -7.82 -14.28 11.65
N GLU A 57 -7.68 -15.59 11.51
CA GLU A 57 -6.49 -16.21 10.89
C GLU A 57 -6.27 -15.75 9.44
N PHE A 58 -7.34 -15.35 8.76
CA PHE A 58 -7.25 -15.00 7.34
C PHE A 58 -7.47 -13.51 7.06
N THR A 59 -8.02 -12.80 8.04
CA THR A 59 -8.22 -11.37 7.93
C THR A 59 -7.41 -10.71 9.04
N SER A 60 -6.37 -9.99 8.63
CA SER A 60 -5.41 -9.37 9.54
C SER A 60 -4.84 -8.13 8.88
N GLY A 61 -3.63 -7.76 9.28
CA GLY A 61 -2.93 -6.62 8.69
C GLY A 61 -2.39 -5.74 9.79
N ILE A 62 -2.05 -4.50 9.41
CA ILE A 62 -1.51 -3.52 10.38
C ILE A 62 -2.28 -2.21 10.25
N CYS A 63 -2.29 -1.43 11.33
CA CYS A 63 -3.02 -0.17 11.37
C CYS A 63 -2.33 0.92 10.55
N ASP A 64 -3.10 1.64 9.72
CA ASP A 64 -2.57 2.72 8.88
C ASP A 64 -2.54 4.14 9.47
N CYS A 65 -2.91 4.30 10.73
CA CYS A 65 -2.86 5.60 11.36
C CYS A 65 -1.45 6.23 11.26
N GLY A 66 -1.34 7.47 10.83
CA GLY A 66 -0.04 8.14 10.72
C GLY A 66 0.69 7.92 9.40
N ASP A 67 0.19 7.01 8.57
CA ASP A 67 0.72 6.80 7.23
C ASP A 67 -0.08 7.70 6.28
N GLU A 68 0.55 8.76 5.78
CA GLU A 68 -0.17 9.81 5.02
C GLU A 68 -0.73 9.34 3.69
N GLU A 69 -0.09 8.33 3.11
CA GLU A 69 -0.55 7.72 1.86
C GLU A 69 -1.90 7.02 1.97
N ALA A 70 -2.28 6.64 3.19
CA ALA A 70 -3.52 5.91 3.41
C ALA A 70 -4.79 6.77 3.52
N TRP A 71 -4.66 8.07 3.76
CA TRP A 71 -5.82 8.91 4.16
C TRP A 71 -5.98 10.19 3.36
N ASN A 72 -7.23 10.56 3.08
CA ASN A 72 -7.54 11.77 2.31
C ASN A 72 -7.56 12.97 3.21
N SER A 73 -7.96 12.77 4.47
CA SER A 73 -8.01 13.85 5.47
C SER A 73 -7.01 13.62 6.60
N PRO A 74 -6.56 14.71 7.24
CA PRO A 74 -5.84 14.61 8.52
C PRO A 74 -6.67 13.82 9.52
N LEU A 75 -6.07 12.78 10.12
CA LEU A 75 -6.67 12.06 11.26
C LEU A 75 -6.11 12.56 12.59
N HIS A 76 -6.94 12.48 13.62
CA HIS A 76 -6.55 12.90 14.95
C HIS A 76 -6.58 11.66 15.79
N CYS A 77 -5.46 10.94 15.77
CA CYS A 77 -5.32 9.67 16.45
C CYS A 77 -5.93 9.78 17.83
N LYS A 78 -6.77 8.79 18.17
CA LYS A 78 -7.38 8.69 19.50
C LYS A 78 -6.38 8.64 20.64
N ALA A 79 -5.24 7.97 20.43
CA ALA A 79 -4.21 7.85 21.47
C ALA A 79 -3.61 9.19 21.91
N GLU A 80 -3.68 10.19 21.04
CA GLU A 80 -3.11 11.51 21.26
C GLU A 80 -3.97 12.41 22.16
N GLU A 81 -5.24 12.03 22.35
CA GLU A 81 -6.18 12.81 23.15
C GLU A 81 -6.03 12.60 24.66
N GLN A 82 -6.77 13.43 25.41
CA GLN A 82 -6.95 13.29 26.86
C GLN A 82 -8.24 13.99 27.37
N GLY B 1 -2.18 -1.62 6.53
CA GLY B 1 -3.29 -2.05 5.62
C GLY B 1 -3.84 -3.41 6.01
N SER B 2 -5.05 -3.70 5.52
CA SER B 2 -5.68 -5.00 5.72
C SER B 2 -5.20 -6.04 4.71
N VAL B 3 -5.34 -7.30 5.11
CA VAL B 3 -4.88 -8.47 4.33
C VAL B 3 -5.97 -9.50 4.43
N HIS B 4 -6.44 -9.97 3.27
CA HIS B 4 -7.53 -10.93 3.20
C HIS B 4 -7.07 -12.16 2.43
N LYS B 5 -6.72 -13.20 3.18
CA LYS B 5 -6.12 -14.38 2.59
C LYS B 5 -7.20 -15.38 2.21
N HIS B 6 -7.07 -15.96 1.02
CA HIS B 6 -8.01 -16.97 0.55
C HIS B 6 -7.26 -18.18 0.01
N THR B 7 -6.14 -18.48 0.67
CA THR B 7 -5.25 -19.57 0.30
C THR B 7 -6.08 -20.84 0.13
N GLY B 8 -5.80 -21.59 -0.94
CA GLY B 8 -6.51 -22.85 -1.17
C GLY B 8 -7.66 -22.74 -2.17
N ARG B 9 -8.08 -21.51 -2.47
CA ARG B 9 -9.25 -21.29 -3.30
C ARG B 9 -9.21 -19.93 -4.00
N ASN B 10 -10.23 -19.66 -4.80
CA ASN B 10 -10.36 -18.39 -5.52
C ASN B 10 -10.85 -17.33 -4.56
N CYS B 11 -10.64 -16.06 -4.93
CA CYS B 11 -11.19 -14.95 -4.16
C CYS B 11 -12.71 -14.94 -4.28
N GLY B 12 -13.21 -14.66 -5.50
CA GLY B 12 -14.64 -14.62 -5.77
C GLY B 12 -15.44 -13.48 -5.15
N ARG B 13 -14.73 -12.51 -4.56
CA ARG B 13 -15.42 -11.36 -3.97
C ARG B 13 -16.26 -10.67 -5.03
N LYS B 14 -17.49 -10.32 -4.67
CA LYS B 14 -18.38 -9.62 -5.57
C LYS B 14 -18.13 -8.13 -5.38
N PHE B 15 -18.02 -7.38 -6.47
CA PHE B 15 -17.82 -5.94 -6.38
C PHE B 15 -19.08 -5.22 -5.96
N LYS B 16 -18.92 -4.22 -5.12
CA LYS B 16 -20.04 -3.40 -4.71
C LYS B 16 -19.93 -2.09 -5.46
N ILE B 17 -21.06 -1.40 -5.63
CA ILE B 17 -21.11 -0.15 -6.39
C ILE B 17 -20.04 0.80 -5.88
N GLY B 18 -19.25 1.32 -6.80
CA GLY B 18 -18.18 2.26 -6.48
C GLY B 18 -16.81 1.64 -6.37
N GLU B 19 -16.74 0.30 -6.28
CA GLU B 19 -15.45 -0.38 -6.10
C GLU B 19 -14.69 -0.54 -7.42
N PRO B 20 -13.33 -0.52 -7.36
CA PRO B 20 -12.60 -0.73 -8.60
C PRO B 20 -12.36 -2.19 -8.99
N LEU B 21 -12.44 -2.43 -10.29
CA LEU B 21 -12.05 -3.68 -10.90
C LEU B 21 -10.75 -3.46 -11.67
N TYR B 22 -9.74 -4.29 -11.39
CA TYR B 22 -8.46 -4.25 -12.10
C TYR B 22 -8.46 -5.26 -13.26
N ARG B 23 -8.02 -4.81 -14.44
CA ARG B 23 -7.69 -5.72 -15.56
C ARG B 23 -6.23 -5.58 -15.98
N CYS B 24 -5.66 -6.68 -16.47
CA CYS B 24 -4.32 -6.67 -17.03
C CYS B 24 -4.35 -7.27 -18.41
N HIS B 25 -4.10 -6.43 -19.40
CA HIS B 25 -4.07 -6.91 -20.77
C HIS B 25 -3.19 -8.15 -20.92
N GLU B 26 -1.95 -8.08 -20.43
CA GLU B 26 -0.99 -9.19 -20.59
C GLU B 26 -1.43 -10.48 -19.87
N CYS B 27 -2.02 -10.32 -18.70
CA CYS B 27 -2.22 -11.44 -17.78
C CYS B 27 -3.59 -12.14 -17.96
N GLY B 28 -4.64 -11.37 -18.19
CA GLY B 28 -6.00 -11.91 -18.24
C GLY B 28 -6.24 -12.71 -19.50
N CYS B 29 -6.95 -13.83 -19.39
CA CYS B 29 -7.23 -14.69 -20.56
C CYS B 29 -8.18 -14.02 -21.54
N ASP B 30 -9.07 -13.18 -21.02
CA ASP B 30 -9.95 -12.33 -21.84
C ASP B 30 -10.31 -11.04 -21.11
N ASP B 31 -11.22 -10.25 -21.68
CA ASP B 31 -11.57 -8.95 -21.11
C ASP B 31 -12.54 -9.03 -19.93
N THR B 32 -12.88 -10.25 -19.50
CA THR B 32 -13.78 -10.44 -18.35
C THR B 32 -13.01 -10.77 -17.07
N CYS B 33 -11.71 -11.00 -17.20
CA CYS B 33 -10.87 -11.40 -16.09
C CYS B 33 -10.41 -10.19 -15.27
N VAL B 34 -10.82 -10.17 -14.00
CA VAL B 34 -10.60 -9.02 -13.13
C VAL B 34 -10.11 -9.40 -11.73
N LEU B 35 -9.54 -8.41 -11.05
CA LEU B 35 -9.06 -8.59 -9.70
C LEU B 35 -9.60 -7.46 -8.84
N CYS B 36 -9.74 -7.73 -7.55
CA CYS B 36 -10.12 -6.72 -6.58
C CYS B 36 -8.86 -6.13 -5.96
N ILE B 37 -9.04 -5.02 -5.24
CA ILE B 37 -7.94 -4.29 -4.61
C ILE B 37 -7.22 -5.12 -3.58
N HIS B 38 -7.94 -6.03 -2.93
CA HIS B 38 -7.35 -6.92 -1.91
C HIS B 38 -6.48 -7.99 -2.53
N CYS B 39 -6.61 -8.21 -3.84
CA CYS B 39 -5.82 -9.22 -4.51
C CYS B 39 -4.78 -8.69 -5.46
N PHE B 40 -5.09 -7.60 -6.15
CA PHE B 40 -4.22 -7.06 -7.21
C PHE B 40 -2.83 -6.77 -6.65
N ASN B 41 -1.83 -7.44 -7.21
CA ASN B 41 -0.45 -7.29 -6.79
C ASN B 41 0.32 -6.54 -7.87
N PRO B 42 0.82 -5.32 -7.56
CA PRO B 42 1.53 -4.56 -8.59
C PRO B 42 2.81 -5.24 -9.12
N LYS B 43 3.36 -6.17 -8.34
CA LYS B 43 4.61 -6.87 -8.68
C LYS B 43 4.42 -7.83 -9.85
N ASP B 44 3.19 -8.33 -10.00
CA ASP B 44 2.85 -9.27 -11.07
C ASP B 44 2.77 -8.56 -12.41
N HIS B 45 2.54 -7.25 -12.36
CA HIS B 45 2.15 -6.49 -13.53
C HIS B 45 3.07 -5.29 -13.72
N VAL B 46 4.34 -5.46 -13.33
CA VAL B 46 5.35 -4.40 -13.39
C VAL B 46 5.36 -3.71 -14.76
N ASN B 47 5.47 -4.49 -15.81
CA ASN B 47 5.53 -3.94 -17.15
C ASN B 47 4.31 -4.25 -17.98
N HIS B 48 3.16 -4.24 -17.34
CA HIS B 48 1.92 -4.61 -17.98
C HIS B 48 1.00 -3.43 -18.18
N HIS B 49 0.06 -3.58 -19.10
CA HIS B 49 -0.97 -2.58 -19.38
C HIS B 49 -2.20 -2.82 -18.51
N VAL B 50 -2.31 -2.07 -17.42
CA VAL B 50 -3.36 -2.29 -16.43
C VAL B 50 -4.41 -1.19 -16.46
N CYS B 51 -5.67 -1.60 -16.41
CA CYS B 51 -6.75 -0.67 -16.34
C CYS B 51 -7.65 -0.93 -15.15
N THR B 52 -8.17 0.15 -14.57
CA THR B 52 -9.21 0.03 -13.55
C THR B 52 -10.56 0.50 -14.08
N ASP B 53 -11.59 -0.30 -13.78
CA ASP B 53 -12.97 0.06 -14.06
C ASP B 53 -13.65 0.29 -12.73
N ILE B 54 -14.80 0.94 -12.74
CA ILE B 54 -15.51 1.22 -11.51
C ILE B 54 -16.86 0.50 -11.53
N CYS B 55 -17.14 -0.20 -10.44
CA CYS B 55 -18.38 -0.95 -10.32
C CYS B 55 -19.60 -0.04 -10.33
N THR B 56 -20.54 -0.34 -11.22
CA THR B 56 -21.83 0.36 -11.26
C THR B 56 -22.96 -0.66 -11.13
N GLU B 57 -24.20 -0.18 -11.14
CA GLU B 57 -25.37 -1.05 -11.21
C GLU B 57 -25.27 -2.02 -12.40
N PHE B 58 -24.68 -1.54 -13.49
CA PHE B 58 -24.61 -2.28 -14.74
C PHE B 58 -23.23 -2.92 -14.98
N THR B 59 -22.21 -2.41 -14.29
CA THR B 59 -20.86 -2.98 -14.34
C THR B 59 -20.62 -3.74 -13.05
N SER B 60 -20.63 -5.06 -13.15
CA SER B 60 -20.56 -5.95 -11.98
C SER B 60 -19.66 -7.16 -12.24
N GLY B 61 -19.43 -7.95 -11.20
CA GLY B 61 -18.67 -9.18 -11.36
C GLY B 61 -18.10 -9.67 -10.06
N ILE B 62 -17.18 -10.62 -10.17
CA ILE B 62 -16.48 -11.16 -9.02
C ILE B 62 -15.01 -11.23 -9.36
N CYS B 63 -14.19 -11.24 -8.32
CA CYS B 63 -12.74 -11.32 -8.45
C CYS B 63 -12.27 -12.73 -8.81
N ASP B 64 -11.38 -12.80 -9.81
CA ASP B 64 -10.85 -14.06 -10.34
C ASP B 64 -9.50 -14.51 -9.78
N CYS B 65 -9.04 -13.91 -8.68
CA CYS B 65 -7.75 -14.29 -8.10
C CYS B 65 -7.89 -15.69 -7.55
N GLY B 66 -6.90 -16.55 -7.84
CA GLY B 66 -6.92 -17.93 -7.41
C GLY B 66 -7.72 -18.85 -8.31
N ASP B 67 -8.23 -18.30 -9.42
CA ASP B 67 -8.93 -19.07 -10.45
C ASP B 67 -7.95 -19.07 -11.61
N GLU B 68 -7.28 -20.21 -11.77
CA GLU B 68 -6.17 -20.35 -12.71
C GLU B 68 -6.64 -20.24 -14.17
N GLU B 69 -7.84 -20.72 -14.44
CA GLU B 69 -8.51 -20.58 -15.74
C GLU B 69 -8.45 -19.18 -16.32
N ALA B 70 -8.27 -18.19 -15.45
CA ALA B 70 -8.47 -16.82 -15.85
C ALA B 70 -7.19 -16.05 -16.21
N TRP B 71 -6.03 -16.64 -15.94
CA TRP B 71 -4.73 -15.94 -16.04
C TRP B 71 -3.68 -16.74 -16.81
N ASN B 72 -2.92 -16.06 -17.66
CA ASN B 72 -1.92 -16.71 -18.53
C ASN B 72 -0.66 -17.16 -17.82
N SER B 73 -0.43 -16.58 -16.64
CA SER B 73 0.70 -16.95 -15.80
C SER B 73 0.26 -16.93 -14.34
N PRO B 74 0.96 -17.68 -13.47
CA PRO B 74 0.62 -17.65 -12.05
C PRO B 74 0.66 -16.24 -11.46
N LEU B 75 -0.41 -15.86 -10.75
CA LEU B 75 -0.43 -14.64 -9.97
C LEU B 75 -0.06 -14.92 -8.52
N HIS B 76 0.28 -13.85 -7.80
CA HIS B 76 0.67 -13.95 -6.39
C HIS B 76 -0.20 -12.98 -5.65
N CYS B 77 -1.31 -13.48 -5.10
CA CYS B 77 -2.27 -12.65 -4.38
C CYS B 77 -1.57 -11.71 -3.42
N LYS B 78 -1.97 -10.44 -3.44
CA LYS B 78 -1.38 -9.39 -2.62
C LYS B 78 -1.42 -9.77 -1.12
N ALA B 79 -2.47 -10.49 -0.75
CA ALA B 79 -2.69 -10.90 0.63
C ALA B 79 -1.67 -11.90 1.12
N GLU B 80 -1.03 -12.61 0.20
CA GLU B 80 -0.08 -13.66 0.54
C GLU B 80 1.32 -13.10 0.74
N GLU B 81 1.44 -11.78 0.82
CA GLU B 81 2.75 -11.12 0.89
C GLU B 81 3.37 -11.31 2.29
N GLN B 82 3.75 -12.55 2.59
CA GLN B 82 4.08 -12.97 3.95
C GLN B 82 5.59 -13.12 4.16
N VAL C 3 12.09 12.82 -3.64
CA VAL C 3 13.23 13.46 -4.39
C VAL C 3 12.73 14.07 -5.72
N HIS C 4 11.57 13.60 -6.16
CA HIS C 4 11.02 13.99 -7.44
C HIS C 4 10.10 15.17 -7.34
N LYS C 5 10.06 15.82 -6.19
CA LYS C 5 9.23 17.02 -6.00
C LYS C 5 9.59 18.09 -7.03
N HIS C 6 8.63 18.91 -7.41
CA HIS C 6 8.85 19.94 -8.40
C HIS C 6 7.89 21.10 -8.12
N THR C 7 7.63 21.36 -6.86
CA THR C 7 6.63 22.37 -6.47
C THR C 7 6.81 23.74 -7.15
N GLY C 8 5.71 24.36 -7.57
CA GLY C 8 5.78 25.65 -8.22
C GLY C 8 6.06 25.58 -9.71
N ARG C 9 6.35 24.37 -10.20
CA ARG C 9 6.55 24.10 -11.64
C ARG C 9 5.91 22.77 -12.06
N ASN C 10 5.88 22.50 -13.37
CA ASN C 10 5.42 21.21 -13.89
C ASN C 10 6.47 20.14 -13.62
N CYS C 11 6.07 18.88 -13.73
CA CYS C 11 7.03 17.78 -13.66
C CYS C 11 7.91 17.70 -14.91
N GLY C 12 7.29 17.57 -16.08
CA GLY C 12 8.02 17.54 -17.33
C GLY C 12 8.88 16.34 -17.65
N ARG C 13 8.78 15.25 -16.88
CA ARG C 13 9.65 14.10 -17.10
C ARG C 13 9.44 13.45 -18.45
N LYS C 14 10.51 13.23 -19.19
CA LYS C 14 10.41 12.51 -20.46
C LYS C 14 10.53 11.01 -20.19
N PHE C 15 9.53 10.24 -20.64
CA PHE C 15 9.50 8.80 -20.39
C PHE C 15 10.53 8.05 -21.21
N LYS C 16 11.14 7.03 -20.61
CA LYS C 16 12.09 6.17 -21.31
C LYS C 16 11.41 4.86 -21.70
N ILE C 17 11.87 4.21 -22.76
CA ILE C 17 11.23 2.97 -23.24
C ILE C 17 10.99 1.96 -22.10
N GLY C 18 9.78 1.42 -22.04
CA GLY C 18 9.42 0.42 -21.03
C GLY C 18 8.84 1.00 -19.75
N GLU C 19 8.96 2.33 -19.58
CA GLU C 19 8.47 2.99 -18.39
C GLU C 19 6.96 3.18 -18.42
N PRO C 20 6.29 3.01 -17.25
CA PRO C 20 4.83 3.24 -17.15
C PRO C 20 4.40 4.71 -17.22
N LEU C 21 3.26 4.93 -17.87
CA LEU C 21 2.60 6.23 -17.97
C LEU C 21 1.19 6.05 -17.47
N TYR C 22 0.69 7.01 -16.70
CA TYR C 22 -0.64 6.94 -16.14
C TYR C 22 -1.61 7.92 -16.81
N ARG C 23 -2.79 7.42 -17.14
CA ARG C 23 -3.86 8.25 -17.72
C ARG C 23 -5.12 8.06 -16.89
N CYS C 24 -5.87 9.14 -16.72
CA CYS C 24 -7.15 9.09 -16.03
C CYS C 24 -8.22 9.77 -16.90
N HIS C 25 -9.36 9.10 -17.07
CA HIS C 25 -10.44 9.63 -17.91
C HIS C 25 -11.11 10.85 -17.30
N GLU C 26 -11.37 10.81 -16.01
CA GLU C 26 -12.06 11.89 -15.32
C GLU C 26 -11.13 13.03 -14.93
N CYS C 27 -9.89 13.02 -15.43
CA CYS C 27 -8.92 14.06 -15.09
C CYS C 27 -8.22 14.67 -16.31
N GLY C 28 -7.73 13.83 -17.21
CA GLY C 28 -7.08 14.30 -18.43
C GLY C 28 -8.03 14.89 -19.45
N CYS C 29 -7.86 16.18 -19.73
CA CYS C 29 -8.70 16.95 -20.68
C CYS C 29 -8.75 16.30 -22.06
N ASP C 30 -7.59 16.06 -22.63
CA ASP C 30 -7.44 15.20 -23.79
C ASP C 30 -6.73 13.94 -23.31
N ASP C 31 -6.36 13.07 -24.25
CA ASP C 31 -5.69 11.81 -23.90
C ASP C 31 -4.19 11.94 -23.76
N THR C 32 -3.65 13.06 -24.21
CA THR C 32 -2.22 13.29 -24.20
C THR C 32 -1.71 13.65 -22.79
N CYS C 33 -2.64 13.87 -21.86
CA CYS C 33 -2.33 14.20 -20.48
C CYS C 33 -1.99 12.92 -19.71
N VAL C 34 -0.74 12.82 -19.24
CA VAL C 34 -0.27 11.61 -18.54
C VAL C 34 0.50 11.98 -17.27
N LEU C 35 0.63 11.02 -16.37
CA LEU C 35 1.45 11.21 -15.15
C LEU C 35 2.47 10.11 -15.04
N CYS C 36 3.63 10.45 -14.51
CA CYS C 36 4.66 9.45 -14.23
C CYS C 36 4.38 8.78 -12.88
N ILE C 37 5.06 7.66 -12.64
CA ILE C 37 4.96 6.89 -11.38
C ILE C 37 5.30 7.68 -10.11
N HIS C 38 6.17 8.68 -10.25
CA HIS C 38 6.57 9.49 -9.10
C HIS C 38 5.55 10.58 -8.81
N CYS C 39 4.68 10.86 -9.78
CA CYS C 39 3.68 11.88 -9.62
C CYS C 39 2.28 11.37 -9.40
N PHE C 40 1.94 10.23 -10.00
CA PHE C 40 0.58 9.71 -9.91
C PHE C 40 0.17 9.45 -8.45
N ASN C 41 -0.89 10.12 -8.02
CA ASN C 41 -1.35 10.03 -6.62
C ASN C 41 -2.64 9.20 -6.59
N PRO C 42 -2.58 7.98 -6.04
CA PRO C 42 -3.77 7.11 -6.00
C PRO C 42 -5.01 7.78 -5.41
N LYS C 43 -4.82 8.63 -4.39
CA LYS C 43 -5.93 9.34 -3.72
C LYS C 43 -6.78 10.14 -4.67
N ASP C 44 -6.13 10.74 -5.68
CA ASP C 44 -6.82 11.61 -6.62
C ASP C 44 -7.76 10.85 -7.52
N HIS C 45 -7.49 9.55 -7.67
CA HIS C 45 -8.19 8.75 -8.67
C HIS C 45 -8.82 7.48 -8.06
N VAL C 46 -9.25 7.59 -6.81
CA VAL C 46 -9.89 6.52 -6.03
C VAL C 46 -11.05 5.82 -6.78
N ASN C 47 -12.00 6.60 -7.27
CA ASN C 47 -13.04 6.01 -8.10
C ASN C 47 -13.06 6.69 -9.46
N HIS C 48 -11.90 6.68 -10.10
CA HIS C 48 -11.71 7.14 -11.47
C HIS C 48 -11.31 5.96 -12.35
N HIS C 49 -11.37 6.19 -13.66
CA HIS C 49 -11.04 5.17 -14.67
C HIS C 49 -9.62 5.38 -15.16
N VAL C 50 -8.67 4.71 -14.52
CA VAL C 50 -7.24 4.91 -14.77
C VAL C 50 -6.67 3.79 -15.60
N CYS C 51 -5.84 4.15 -16.57
CA CYS C 51 -5.12 3.20 -17.40
C CYS C 51 -3.62 3.42 -17.31
N THR C 52 -2.87 2.33 -17.25
CA THR C 52 -1.42 2.40 -17.35
C THR C 52 -1.00 2.01 -18.77
N ASP C 53 -0.01 2.72 -19.30
CA ASP C 53 0.57 2.39 -20.59
C ASP C 53 2.07 2.22 -20.38
N ILE C 54 2.76 1.71 -21.39
CA ILE C 54 4.20 1.50 -21.36
C ILE C 54 4.84 2.24 -22.53
N CYS C 55 5.87 3.04 -22.22
CA CYS C 55 6.50 3.90 -23.20
C CYS C 55 7.13 3.11 -24.35
N THR C 56 6.83 3.49 -25.59
CA THR C 56 7.56 2.97 -26.75
C THR C 56 8.24 4.10 -27.50
N GLU C 57 8.82 3.78 -28.65
CA GLU C 57 9.48 4.76 -29.49
C GLU C 57 8.53 5.87 -29.95
N PHE C 58 7.25 5.52 -30.09
CA PHE C 58 6.19 6.44 -30.54
C PHE C 58 5.68 7.42 -29.50
N THR C 59 5.80 7.02 -28.23
CA THR C 59 5.35 7.82 -27.12
C THR C 59 6.00 9.19 -27.19
N SER C 60 5.18 10.21 -27.29
CA SER C 60 5.65 11.59 -27.28
C SER C 60 5.29 12.21 -25.93
N GLY C 61 5.82 13.40 -25.67
CA GLY C 61 5.40 14.16 -24.50
C GLY C 61 5.98 13.67 -23.18
N ILE C 62 5.45 14.24 -22.12
CA ILE C 62 6.12 14.20 -20.85
C ILE C 62 5.06 14.14 -19.77
N CYS C 63 5.48 13.97 -18.52
CA CYS C 63 4.56 14.06 -17.41
C CYS C 63 3.93 15.43 -17.28
N ASP C 64 2.61 15.48 -17.27
CA ASP C 64 1.90 16.76 -17.18
C ASP C 64 1.48 17.16 -15.75
N CYS C 65 1.98 16.45 -14.74
CA CYS C 65 1.77 16.86 -13.34
C CYS C 65 2.28 18.30 -13.17
N GLY C 66 1.49 19.16 -12.53
CA GLY C 66 1.89 20.55 -12.32
C GLY C 66 1.64 21.51 -13.49
N ASP C 67 1.21 20.96 -14.63
CA ASP C 67 0.75 21.74 -15.76
C ASP C 67 -0.74 21.89 -15.56
N GLU C 68 -1.14 22.99 -14.92
CA GLU C 68 -2.54 23.22 -14.55
C GLU C 68 -3.53 23.11 -15.70
N GLU C 69 -3.07 23.42 -16.91
CA GLU C 69 -3.92 23.42 -18.10
C GLU C 69 -4.23 22.00 -18.63
N ALA C 70 -3.65 20.98 -18.00
CA ALA C 70 -3.78 19.59 -18.48
C ALA C 70 -4.85 18.79 -17.77
N TRP C 71 -5.29 19.29 -16.61
CA TRP C 71 -6.19 18.55 -15.74
C TRP C 71 -7.49 19.29 -15.42
N ASN C 72 -8.54 18.52 -15.14
CA ASN C 72 -9.87 19.03 -14.81
C ASN C 72 -10.07 19.39 -13.33
N SER C 73 -9.07 19.08 -12.50
CA SER C 73 -9.13 19.37 -11.07
C SER C 73 -7.73 19.33 -10.45
N PRO C 74 -7.56 19.97 -9.27
CA PRO C 74 -6.28 20.02 -8.56
C PRO C 74 -5.72 18.65 -8.17
N LEU C 75 -4.58 18.29 -8.76
CA LEU C 75 -3.92 17.06 -8.39
C LEU C 75 -3.00 17.33 -7.21
N HIS C 76 -2.60 16.26 -6.55
CA HIS C 76 -1.71 16.39 -5.41
C HIS C 76 -0.51 15.47 -5.61
N CYS C 77 0.57 16.05 -6.14
CA CYS C 77 1.74 15.30 -6.54
C CYS C 77 2.25 14.36 -5.45
N LYS C 78 2.35 13.07 -5.81
CA LYS C 78 2.77 12.05 -4.87
C LYS C 78 4.14 12.37 -4.27
N ALA C 79 5.00 12.98 -5.08
CA ALA C 79 6.37 13.31 -4.68
C ALA C 79 6.39 14.29 -3.49
N GLU C 80 5.31 15.05 -3.34
CA GLU C 80 5.17 16.01 -2.25
C GLU C 80 4.62 15.38 -0.96
N GLU C 81 4.65 14.05 -0.90
CA GLU C 81 4.29 13.31 0.31
C GLU C 81 5.56 13.04 1.08
N GLN C 82 5.61 13.53 2.32
CA GLN C 82 6.80 13.45 3.17
C GLN C 82 6.85 12.10 3.90
N SER D 2 14.22 3.36 24.01
CA SER D 2 13.16 3.40 25.07
C SER D 2 11.80 3.85 24.49
N VAL D 3 11.79 5.03 23.87
CA VAL D 3 10.66 5.50 23.06
C VAL D 3 10.22 4.46 22.02
N HIS D 4 11.20 3.66 21.58
CA HIS D 4 11.06 2.68 20.49
C HIS D 4 10.67 1.30 20.97
N LYS D 5 10.63 1.12 22.29
CA LYS D 5 10.23 -0.15 22.90
C LYS D 5 8.79 -0.48 22.52
N HIS D 6 8.53 -1.76 22.26
CA HIS D 6 7.19 -2.19 21.81
C HIS D 6 6.83 -3.61 22.30
N THR D 7 7.11 -3.91 23.58
CA THR D 7 6.84 -5.26 24.11
C THR D 7 5.40 -5.63 23.90
N GLY D 8 5.13 -6.91 23.65
CA GLY D 8 3.75 -7.37 23.54
C GLY D 8 3.13 -7.12 22.18
N ARG D 9 3.86 -6.47 21.28
CA ARG D 9 3.36 -6.26 19.94
C ARG D 9 4.52 -6.19 18.95
N ASN D 10 4.19 -5.92 17.70
CA ASN D 10 5.16 -5.80 16.63
C ASN D 10 5.65 -4.35 16.53
N CYS D 11 6.79 -4.14 15.88
CA CYS D 11 7.28 -2.77 15.73
C CYS D 11 6.42 -2.00 14.75
N GLY D 12 6.36 -2.48 13.51
CA GLY D 12 5.43 -1.93 12.53
C GLY D 12 5.84 -0.58 12.00
N ARG D 13 7.02 -0.12 12.41
CA ARG D 13 7.55 1.16 11.93
C ARG D 13 7.71 1.18 10.39
N LYS D 14 7.11 2.20 9.77
CA LYS D 14 7.21 2.42 8.33
C LYS D 14 8.40 3.31 8.04
N PHE D 15 9.32 2.82 7.21
CA PHE D 15 10.54 3.56 6.88
C PHE D 15 10.28 4.79 6.01
N LYS D 16 11.00 5.86 6.33
CA LYS D 16 10.97 7.08 5.54
C LYS D 16 12.18 7.12 4.62
N ILE D 17 12.01 7.69 3.42
CA ILE D 17 13.09 7.78 2.41
C ILE D 17 14.44 8.20 3.01
N GLY D 18 15.46 7.40 2.74
CA GLY D 18 16.78 7.62 3.30
C GLY D 18 17.08 6.83 4.58
N GLU D 19 16.05 6.29 5.21
CA GLU D 19 16.29 5.48 6.41
C GLU D 19 16.84 4.11 6.03
N PRO D 20 17.76 3.59 6.86
CA PRO D 20 18.29 2.24 6.73
C PRO D 20 17.31 1.13 7.10
N LEU D 21 17.34 0.06 6.31
CA LEU D 21 16.60 -1.17 6.58
C LEU D 21 17.62 -2.30 6.69
N TYR D 22 17.44 -3.18 7.66
CA TYR D 22 18.36 -4.30 7.87
C TYR D 22 17.69 -5.62 7.55
N ARG D 23 18.38 -6.46 6.80
CA ARG D 23 17.91 -7.79 6.44
C ARG D 23 18.93 -8.81 6.90
N CYS D 24 18.48 -9.92 7.46
CA CYS D 24 19.38 -11.02 7.79
C CYS D 24 18.98 -12.26 7.00
N HIS D 25 19.92 -12.82 6.24
CA HIS D 25 19.62 -14.03 5.46
C HIS D 25 19.24 -15.22 6.33
N GLU D 26 20.00 -15.45 7.40
CA GLU D 26 19.70 -16.56 8.32
C GLU D 26 18.36 -16.42 9.06
N CYS D 27 18.07 -15.25 9.62
CA CYS D 27 16.86 -15.10 10.41
C CYS D 27 15.58 -14.86 9.62
N GLY D 28 15.66 -14.13 8.50
CA GLY D 28 14.47 -13.72 7.76
C GLY D 28 13.74 -14.86 7.07
N CYS D 29 12.41 -14.93 7.24
CA CYS D 29 11.59 -15.96 6.59
C CYS D 29 11.57 -15.82 5.08
N ASP D 30 11.34 -14.61 4.60
CA ASP D 30 11.45 -14.27 3.20
C ASP D 30 12.54 -13.23 3.05
N ASP D 31 12.78 -12.83 1.81
CA ASP D 31 13.72 -11.75 1.52
C ASP D 31 13.01 -10.41 1.69
N THR D 32 11.75 -10.43 2.10
CA THR D 32 11.04 -9.19 2.39
C THR D 32 11.06 -8.84 3.88
N CYS D 33 11.65 -9.70 4.70
CA CYS D 33 11.63 -9.48 6.15
C CYS D 33 12.72 -8.50 6.54
N VAL D 34 12.34 -7.41 7.23
CA VAL D 34 13.28 -6.35 7.60
C VAL D 34 13.17 -5.91 9.06
N LEU D 35 14.24 -5.26 9.54
CA LEU D 35 14.27 -4.66 10.87
C LEU D 35 14.74 -3.23 10.74
N CYS D 36 14.22 -2.38 11.62
CA CYS D 36 14.59 -0.98 11.65
C CYS D 36 15.78 -0.86 12.61
N ILE D 37 16.41 0.31 12.57
CA ILE D 37 17.62 0.58 13.34
C ILE D 37 17.41 0.58 14.85
N HIS D 38 16.20 0.88 15.30
CA HIS D 38 15.94 0.89 16.75
C HIS D 38 15.69 -0.52 17.24
N CYS D 39 15.39 -1.45 16.33
CA CYS D 39 15.13 -2.85 16.71
C CYS D 39 16.30 -3.83 16.46
N PHE D 40 17.01 -3.62 15.35
CA PHE D 40 18.10 -4.51 14.95
C PHE D 40 19.11 -4.72 16.08
N ASN D 41 19.31 -5.98 16.48
CA ASN D 41 20.24 -6.33 17.55
C ASN D 41 21.49 -7.06 17.05
N PRO D 42 22.63 -6.37 16.97
CA PRO D 42 23.86 -7.03 16.52
C PRO D 42 24.08 -8.41 17.14
N LYS D 43 23.94 -8.53 18.46
CA LYS D 43 24.17 -9.80 19.16
C LYS D 43 23.33 -10.95 18.64
N ASP D 44 22.16 -10.65 18.09
CA ASP D 44 21.30 -11.64 17.42
C ASP D 44 21.91 -12.13 16.12
N HIS D 45 22.71 -11.28 15.49
CA HIS D 45 23.14 -11.50 14.11
C HIS D 45 24.65 -11.34 13.90
N VAL D 46 25.43 -11.61 14.95
CA VAL D 46 26.88 -11.42 14.89
C VAL D 46 27.48 -12.32 13.84
N ASN D 47 27.05 -13.59 13.88
CA ASN D 47 27.55 -14.65 13.02
C ASN D 47 26.72 -14.87 11.76
N HIS D 48 25.93 -13.88 11.37
CA HIS D 48 25.01 -14.05 10.24
C HIS D 48 25.35 -13.11 9.09
N HIS D 49 24.76 -13.40 7.92
CA HIS D 49 24.94 -12.58 6.74
C HIS D 49 23.85 -11.50 6.66
N VAL D 50 24.25 -10.26 6.95
CA VAL D 50 23.31 -9.17 7.12
C VAL D 50 23.55 -8.11 6.04
N CYS D 51 22.46 -7.57 5.48
CA CYS D 51 22.56 -6.53 4.46
C CYS D 51 21.78 -5.29 4.84
N THR D 52 22.40 -4.13 4.63
CA THR D 52 21.74 -2.84 4.80
C THR D 52 21.24 -2.30 3.46
N ASP D 53 20.05 -1.72 3.49
CA ASP D 53 19.50 -1.06 2.31
C ASP D 53 19.00 0.31 2.73
N ILE D 54 18.78 1.19 1.76
CA ILE D 54 18.32 2.52 2.11
C ILE D 54 16.93 2.70 1.52
N CYS D 55 16.01 3.22 2.34
CA CYS D 55 14.63 3.41 1.90
C CYS D 55 14.53 4.31 0.67
N THR D 56 13.78 3.86 -0.32
CA THR D 56 13.45 4.69 -1.49
C THR D 56 11.94 4.90 -1.54
N GLU D 57 11.49 5.61 -2.58
CA GLU D 57 10.06 5.83 -2.87
C GLU D 57 9.25 4.53 -2.98
N PHE D 58 9.87 3.48 -3.51
CA PHE D 58 9.17 2.24 -3.81
C PHE D 58 9.54 1.09 -2.87
N THR D 59 10.83 1.00 -2.57
CA THR D 59 11.39 -0.01 -1.66
C THR D 59 10.90 0.40 -0.29
N SER D 60 9.58 0.25 -0.11
CA SER D 60 8.88 0.81 1.02
C SER D 60 8.25 -0.29 1.87
N GLY D 61 8.36 -0.12 3.19
CA GLY D 61 8.05 -1.21 4.09
C GLY D 61 7.90 -0.89 5.56
N ILE D 62 7.50 -1.91 6.31
CA ILE D 62 7.39 -1.79 7.74
C ILE D 62 8.27 -2.82 8.47
N CYS D 63 8.78 -2.41 9.62
CA CYS D 63 9.67 -3.22 10.44
C CYS D 63 8.93 -4.38 11.03
N ASP D 64 9.52 -5.57 10.87
CA ASP D 64 8.87 -6.83 11.22
C ASP D 64 9.24 -7.31 12.63
N CYS D 65 9.98 -6.51 13.38
CA CYS D 65 10.35 -6.90 14.75
C CYS D 65 9.10 -7.18 15.57
N GLY D 66 9.10 -8.33 16.24
CA GLY D 66 7.96 -8.76 17.04
C GLY D 66 6.82 -9.36 16.24
N ASP D 67 6.98 -9.48 14.92
CA ASP D 67 6.12 -10.30 14.06
C ASP D 67 6.83 -11.65 13.91
N GLU D 68 6.50 -12.58 14.81
CA GLU D 68 7.22 -13.83 14.93
C GLU D 68 7.19 -14.71 13.68
N GLU D 69 6.13 -14.50 12.90
CA GLU D 69 5.90 -15.18 11.62
C GLU D 69 7.03 -14.92 10.63
N ALA D 70 7.68 -13.76 10.77
CA ALA D 70 8.68 -13.29 9.82
C ALA D 70 10.09 -13.80 10.09
N TRP D 71 10.30 -14.47 11.22
CA TRP D 71 11.64 -14.89 11.64
C TRP D 71 11.71 -16.38 11.94
N ASN D 72 12.85 -16.98 11.61
CA ASN D 72 13.09 -18.41 11.86
C ASN D 72 13.63 -18.61 13.26
N SER D 73 14.14 -17.53 13.84
CA SER D 73 14.81 -17.59 15.13
C SER D 73 14.18 -16.55 16.05
N PRO D 74 14.26 -16.75 17.37
CA PRO D 74 13.80 -15.69 18.28
C PRO D 74 14.68 -14.44 18.22
N LEU D 75 14.06 -13.29 18.02
CA LEU D 75 14.76 -12.01 18.07
C LEU D 75 14.68 -11.37 19.44
N HIS D 76 15.68 -10.56 19.77
CA HIS D 76 15.67 -9.77 21.00
C HIS D 76 15.79 -8.28 20.69
N CYS D 77 14.65 -7.60 20.67
CA CYS D 77 14.57 -6.19 20.27
C CYS D 77 15.61 -5.35 21.01
N LYS D 78 16.44 -4.67 20.23
CA LYS D 78 17.46 -3.77 20.78
C LYS D 78 16.87 -2.72 21.73
N ALA D 79 15.60 -2.37 21.50
CA ALA D 79 14.93 -1.36 22.31
C ALA D 79 14.50 -1.84 23.71
N GLU D 80 14.63 -3.15 23.94
CA GLU D 80 14.32 -3.79 25.22
C GLU D 80 15.46 -3.62 26.22
N GLU D 81 16.68 -3.40 25.69
CA GLU D 81 17.88 -3.18 26.51
C GLU D 81 17.77 -1.88 27.30
N GLN D 82 17.80 -1.98 28.63
CA GLN D 82 17.56 -0.82 29.50
C GLN D 82 18.84 -0.05 29.87
N ARG E 1 7.20 -5.99 6.51
CA ARG E 1 8.00 -6.41 5.32
C ARG E 1 8.29 -5.23 4.40
N ARG E 2 9.18 -5.44 3.42
CA ARG E 2 9.50 -4.44 2.43
C ARG E 2 8.80 -4.79 1.13
N ALA E 3 8.43 -3.77 0.35
CA ALA E 3 7.79 -3.98 -0.96
C ALA E 3 8.77 -4.60 -1.95
N ALA E 4 8.50 -5.86 -2.30
CA ALA E 4 9.34 -6.69 -3.20
C ALA E 4 10.73 -7.00 -2.64
ZN ZN F . -3.32 2.03 15.27
ZN ZN G . -2.86 6.36 15.74
ZN ZN H . -13.76 9.24 7.93
ZN ZN I . -10.02 -10.64 -4.87
ZN ZN J . -6.41 -12.94 -4.10
ZN ZN K . -0.30 -8.49 -15.66
ZN ZN L . 5.87 13.37 -13.14
ZN ZN M . 4.25 15.71 -9.84
ZN ZN N . -8.51 11.00 -11.99
ZN ZN O . 11.45 -1.73 14.44
ZN ZN P . 11.76 -4.21 18.00
ZN ZN Q . 20.27 -13.14 11.93
#